data_9KUP
#
_entry.id   9KUP
#
_cell.length_a   59.800
_cell.length_b   59.800
_cell.length_c   158.201
_cell.angle_alpha   90.00
_cell.angle_beta   90.00
_cell.angle_gamma   120.00
#
_symmetry.space_group_name_H-M   'P 31 2 1'
#
loop_
_entity.id
_entity.type
_entity.pdbx_description
1 polymer 'Methyl-accepting chemotaxis sensory transducer'
2 non-polymer D-MALATE
3 non-polymer 'SULFATE ION'
4 non-polymer GLYCEROL
5 water water
#
_entity_poly.entity_id   1
_entity_poly.type   'polypeptide(L)'
_entity_poly.pdbx_seq_one_letter_code
;(MSE)GSSHHHHHHSSGLVPRGSH(MSE)QLHSVGKATQQ(MSE)(MSE)QEPLTKERLISDWNSNVSVAVARTTAIAKS
SDASLVQFLAADAAATTKSTANVLKQIEPLITQPAEREILDKI(MSE)QVRKTYIASRDKVSQLKADG(MSE)AEEAEST
LINSYVPAAQGYLKLLGELLNLQRASLDAKAAEVEQIESSSRT
;
_entity_poly.pdbx_strand_id   A,B
#
# COMPACT_ATOMS: atom_id res chain seq x y z
N GLN A 35 1.21 -25.30 -6.58
CA GLN A 35 0.69 -25.80 -5.33
C GLN A 35 0.55 -24.65 -4.33
N GLU A 36 -0.34 -24.86 -3.34
CA GLU A 36 -0.70 -23.89 -2.30
C GLU A 36 -0.87 -22.49 -2.88
N PRO A 37 -1.62 -22.34 -3.98
CA PRO A 37 -1.73 -21.01 -4.59
C PRO A 37 -2.40 -19.99 -3.68
N LEU A 38 -3.38 -20.40 -2.86
CA LEU A 38 -4.06 -19.40 -2.04
C LEU A 38 -3.13 -18.82 -0.98
N THR A 39 -2.33 -19.68 -0.34
CA THR A 39 -1.36 -19.19 0.64
C THR A 39 -0.40 -18.20 0.00
N LYS A 40 0.11 -18.54 -1.19
CA LYS A 40 1.01 -17.62 -1.87
C LYS A 40 0.29 -16.36 -2.30
N GLU A 41 -0.96 -16.46 -2.77
CA GLU A 41 -1.68 -15.26 -3.13
C GLU A 41 -1.81 -14.29 -1.94
N ARG A 42 -2.07 -14.81 -0.74
CA ARG A 42 -2.20 -13.93 0.42
C ARG A 42 -0.85 -13.30 0.79
N LEU A 43 0.22 -14.07 0.69
CA LEU A 43 1.54 -13.52 0.96
C LEU A 43 1.92 -12.45 -0.07
N ILE A 44 1.62 -12.68 -1.35
CA ILE A 44 1.95 -11.72 -2.39
C ILE A 44 1.08 -10.48 -2.24
N SER A 45 -0.18 -10.63 -1.81
CA SER A 45 -1.00 -9.45 -1.54
C SER A 45 -0.33 -8.56 -0.51
N ASP A 46 0.16 -9.14 0.59
CA ASP A 46 0.84 -8.33 1.59
C ASP A 46 2.12 -7.72 1.01
N TRP A 47 2.86 -8.51 0.23
CA TRP A 47 4.09 -8.03 -0.40
C TRP A 47 3.83 -6.83 -1.31
N ASN A 48 2.83 -6.96 -2.20
CA ASN A 48 2.41 -5.89 -3.09
C ASN A 48 2.05 -4.65 -2.30
N SER A 49 1.29 -4.82 -1.21
CA SER A 49 0.89 -3.68 -0.40
C SER A 49 2.12 -3.00 0.14
N ASN A 50 3.08 -3.79 0.62
CA ASN A 50 4.28 -3.19 1.21
C ASN A 50 5.07 -2.41 0.16
N VAL A 51 5.21 -2.97 -1.05
CA VAL A 51 5.93 -2.23 -2.10
C VAL A 51 5.18 -0.95 -2.43
N SER A 52 3.87 -1.03 -2.57
CA SER A 52 3.09 0.16 -2.93
C SER A 52 3.21 1.24 -1.86
N VAL A 53 3.19 0.83 -0.58
CA VAL A 53 3.38 1.77 0.53
C VAL A 53 4.77 2.41 0.44
N ALA A 54 5.81 1.59 0.30
CA ALA A 54 7.17 2.11 0.25
C ALA A 54 7.38 3.03 -0.95
N VAL A 55 6.77 2.70 -2.10
CA VAL A 55 6.87 3.61 -3.25
C VAL A 55 6.23 4.96 -2.94
N ALA A 56 5.04 4.96 -2.33
CA ALA A 56 4.40 6.22 -1.98
C ALA A 56 5.26 7.03 -1.01
N ARG A 57 5.85 6.34 -0.03
CA ARG A 57 6.64 7.01 1.00
C ARG A 57 7.93 7.56 0.41
N THR A 58 8.63 6.75 -0.39
CA THR A 58 9.89 7.19 -0.99
C THR A 58 9.66 8.32 -1.96
N THR A 59 8.56 8.26 -2.72
CA THR A 59 8.24 9.36 -3.64
C THR A 59 8.02 10.65 -2.86
N ALA A 60 7.27 10.59 -1.76
CA ALA A 60 7.04 11.78 -0.97
C ALA A 60 8.35 12.32 -0.39
N ILE A 61 9.19 11.42 0.12
CA ILE A 61 10.50 11.83 0.62
C ILE A 61 11.32 12.53 -0.45
N ALA A 62 11.35 11.98 -1.66
CA ALA A 62 12.18 12.55 -2.70
C ALA A 62 11.72 13.92 -3.12
N LYS A 63 10.42 14.19 -3.04
CA LYS A 63 9.87 15.43 -3.57
C LYS A 63 9.74 16.53 -2.52
N SER A 64 9.91 16.23 -1.25
CA SER A 64 9.83 17.24 -0.20
C SER A 64 11.18 17.91 -0.01
N SER A 65 11.16 19.23 0.15
CA SER A 65 12.40 19.95 0.45
C SER A 65 12.83 19.80 1.92
N ASP A 66 12.02 19.13 2.76
CA ASP A 66 12.32 18.88 4.17
C ASP A 66 13.26 17.68 4.28
N ALA A 67 14.57 17.97 4.48
CA ALA A 67 15.56 16.91 4.55
C ALA A 67 15.31 16.00 5.74
N SER A 68 14.62 16.50 6.77
CA SER A 68 14.39 15.68 7.95
C SER A 68 13.25 14.69 7.76
N LEU A 69 12.46 14.81 6.69
CA LEU A 69 11.33 13.90 6.54
C LEU A 69 11.77 12.44 6.53
N VAL A 70 12.93 12.13 5.93
CA VAL A 70 13.36 10.73 5.90
C VAL A 70 13.52 10.20 7.34
N GLN A 71 14.03 11.04 8.25
CA GLN A 71 14.19 10.64 9.65
C GLN A 71 12.84 10.43 10.34
N PHE A 72 11.91 11.34 10.12
CA PHE A 72 10.61 11.22 10.75
C PHE A 72 9.79 10.05 10.23
N LEU A 73 10.09 9.53 9.01
CA LEU A 73 9.40 8.36 8.48
C LEU A 73 10.20 7.08 8.64
N ALA A 74 11.38 7.15 9.24
CA ALA A 74 12.30 6.02 9.22
C ALA A 74 11.75 4.81 9.96
N ALA A 75 11.10 5.01 11.11
CA ALA A 75 10.57 3.83 11.81
C ALA A 75 9.48 3.14 10.98
N ASP A 76 8.60 3.92 10.34
CA ASP A 76 7.58 3.32 9.48
C ASP A 76 8.23 2.62 8.29
N ALA A 77 9.27 3.23 7.71
CA ALA A 77 9.92 2.58 6.57
C ALA A 77 10.57 1.28 6.99
N ALA A 78 11.21 1.28 8.17
CA ALA A 78 11.84 0.07 8.66
C ALA A 78 10.81 -1.04 8.86
N ALA A 79 9.61 -0.68 9.37
CA ALA A 79 8.53 -1.65 9.57
C ALA A 79 8.07 -2.25 8.26
N THR A 80 7.97 -1.42 7.21
CA THR A 80 7.51 -1.91 5.91
C THR A 80 8.52 -2.87 5.30
N THR A 81 9.81 -2.56 5.40
CA THR A 81 10.77 -3.44 4.73
C THR A 81 10.99 -4.69 5.56
N LYS A 82 10.78 -4.61 6.87
CA LYS A 82 10.80 -5.81 7.70
C LYS A 82 9.62 -6.71 7.39
N SER A 83 8.44 -6.13 7.19
CA SER A 83 7.28 -6.93 6.83
C SER A 83 7.55 -7.73 5.55
N THR A 84 8.20 -7.12 4.56
CA THR A 84 8.53 -7.85 3.34
C THR A 84 9.57 -8.94 3.60
N ALA A 85 10.57 -8.63 4.44
CA ALA A 85 11.55 -9.66 4.79
C ALA A 85 10.87 -10.90 5.34
N ASN A 86 9.82 -10.68 6.16
CA ASN A 86 9.07 -11.79 6.75
C ASN A 86 8.24 -12.52 5.72
N VAL A 87 7.59 -11.79 4.81
CA VAL A 87 6.91 -12.44 3.71
C VAL A 87 7.89 -13.35 2.94
N LEU A 88 9.08 -12.82 2.66
CA LEU A 88 10.05 -13.58 1.88
C LEU A 88 10.45 -14.86 2.60
N LYS A 89 10.60 -14.80 3.92
CA LYS A 89 10.96 -16.01 4.66
C LYS A 89 9.87 -17.08 4.52
N GLN A 90 8.59 -16.66 4.56
CA GLN A 90 7.48 -17.58 4.42
C GLN A 90 7.28 -18.04 2.98
N ILE A 91 7.49 -17.17 2.00
CA ILE A 91 7.03 -17.53 0.66
C ILE A 91 8.10 -18.30 -0.12
N GLU A 92 9.37 -18.05 0.16
CA GLU A 92 10.42 -18.67 -0.65
C GLU A 92 10.32 -20.19 -0.70
N PRO A 93 10.08 -20.90 0.40
CA PRO A 93 9.94 -22.37 0.32
C PRO A 93 8.75 -22.84 -0.50
N LEU A 94 7.71 -22.04 -0.60
CA LEU A 94 6.50 -22.41 -1.31
C LEU A 94 6.59 -22.20 -2.81
N ILE A 95 7.61 -21.51 -3.30
CA ILE A 95 7.75 -21.20 -4.73
C ILE A 95 8.61 -22.31 -5.30
N THR A 96 7.96 -23.24 -6.03
CA THR A 96 8.58 -24.51 -6.42
C THR A 96 8.56 -24.78 -7.93
N GLN A 97 7.53 -24.43 -8.62
CA GLN A 97 7.46 -24.82 -10.03
C GLN A 97 8.31 -23.90 -10.89
N PRO A 98 8.76 -24.36 -12.08
CA PRO A 98 9.72 -23.54 -12.85
C PRO A 98 9.21 -22.15 -13.17
N ALA A 99 7.94 -22.00 -13.53
CA ALA A 99 7.48 -20.68 -13.97
C ALA A 99 7.54 -19.70 -12.81
N GLU A 100 7.13 -20.12 -11.62
CA GLU A 100 7.13 -19.18 -10.50
C GLU A 100 8.54 -19.00 -9.94
N ARG A 101 9.39 -20.02 -10.01
CA ARG A 101 10.79 -19.86 -9.61
C ARG A 101 11.51 -18.88 -10.52
N GLU A 102 11.27 -18.96 -11.83
CA GLU A 102 11.91 -18.01 -12.74
C GLU A 102 11.49 -16.57 -12.41
N ILE A 103 10.22 -16.37 -12.09
CA ILE A 103 9.77 -15.00 -11.75
C ILE A 103 10.39 -14.57 -10.42
N LEU A 104 10.42 -15.47 -9.43
CA LEU A 104 11.02 -15.11 -8.15
C LEU A 104 12.47 -14.70 -8.33
N ASP A 105 13.24 -15.46 -9.11
CA ASP A 105 14.63 -15.05 -9.36
C ASP A 105 14.70 -13.66 -9.96
N LYS A 106 13.82 -13.35 -10.91
CA LYS A 106 13.79 -12.02 -11.50
C LYS A 106 13.43 -10.96 -10.46
N ILE A 107 12.44 -11.25 -9.61
CA ILE A 107 12.09 -10.32 -8.53
C ILE A 107 13.29 -10.06 -7.63
N GLN A 109 16.46 -10.14 -8.27
CA GLN A 109 17.46 -9.28 -8.91
C GLN A 109 16.97 -7.83 -8.98
N VAL A 110 15.72 -7.61 -9.38
CA VAL A 110 15.22 -6.23 -9.41
C VAL A 110 15.15 -5.65 -8.00
N ARG A 111 14.79 -6.47 -7.01
CA ARG A 111 14.71 -5.95 -5.65
C ARG A 111 16.06 -5.47 -5.16
N LYS A 112 17.15 -6.11 -5.60
CA LYS A 112 18.47 -5.57 -5.24
C LYS A 112 18.66 -4.15 -5.76
N THR A 113 18.33 -3.92 -7.03
CA THR A 113 18.42 -2.58 -7.60
C THR A 113 17.49 -1.62 -6.88
N TYR A 114 16.29 -2.08 -6.58
CA TYR A 114 15.27 -1.27 -5.91
C TYR A 114 15.75 -0.82 -4.53
N ILE A 115 16.28 -1.78 -3.75
CA ILE A 115 16.71 -1.43 -2.38
C ILE A 115 17.89 -0.45 -2.42
N ALA A 116 18.86 -0.68 -3.31
CA ALA A 116 19.98 0.25 -3.44
C ALA A 116 19.51 1.65 -3.82
N SER A 117 18.57 1.75 -4.78
CA SER A 117 18.11 3.07 -5.19
C SER A 117 17.23 3.72 -4.12
N ARG A 118 16.35 2.95 -3.46
CA ARG A 118 15.56 3.50 -2.35
C ARG A 118 16.46 4.11 -1.28
N ASP A 119 17.50 3.35 -0.88
CA ASP A 119 18.39 3.80 0.18
C ASP A 119 19.20 5.00 -0.26
N LYS A 120 19.59 5.04 -1.55
CA LYS A 120 20.32 6.19 -2.07
C LYS A 120 19.45 7.44 -2.12
N VAL A 121 18.20 7.33 -2.60
CA VAL A 121 17.29 8.49 -2.56
C VAL A 121 17.19 9.01 -1.14
N SER A 122 17.02 8.09 -0.18
CA SER A 122 16.82 8.49 1.20
C SER A 122 18.07 9.15 1.76
N GLN A 123 19.25 8.61 1.45
CA GLN A 123 20.48 9.20 1.99
C GLN A 123 20.72 10.57 1.37
N LEU A 124 20.53 10.69 0.05
CA LEU A 124 20.71 11.99 -0.58
C LEU A 124 19.78 13.02 0.02
N LYS A 125 18.49 12.70 0.18
CA LYS A 125 17.58 13.67 0.75
C LYS A 125 17.98 14.05 2.16
N ALA A 126 18.37 13.08 2.99
CA ALA A 126 18.77 13.38 4.36
C ALA A 126 19.97 14.33 4.34
N ASP A 127 20.85 14.16 3.36
CA ASP A 127 22.07 14.96 3.24
C ASP A 127 21.83 16.27 2.52
N GLY A 128 20.59 16.61 2.18
CA GLY A 128 20.35 17.91 1.57
C GLY A 128 20.68 18.00 0.11
N ALA A 130 19.18 17.59 -2.79
CA ALA A 130 17.82 17.42 -3.30
C ALA A 130 17.82 17.13 -4.80
N GLU A 131 18.63 17.84 -5.58
CA GLU A 131 18.61 17.61 -7.02
C GLU A 131 19.07 16.19 -7.35
N GLU A 132 20.12 15.73 -6.67
CA GLU A 132 20.61 14.38 -6.93
C GLU A 132 19.60 13.33 -6.50
N ALA A 133 18.90 13.57 -5.38
CA ALA A 133 17.83 12.66 -4.97
C ALA A 133 16.74 12.56 -6.00
N GLU A 134 16.30 13.70 -6.56
CA GLU A 134 15.23 13.68 -7.56
C GLU A 134 15.67 12.96 -8.82
N SER A 135 16.93 13.21 -9.23
CA SER A 135 17.47 12.50 -10.39
C SER A 135 17.52 10.99 -10.15
N THR A 136 18.00 10.56 -8.99
CA THR A 136 18.05 9.13 -8.67
C THR A 136 16.65 8.56 -8.61
N LEU A 137 15.70 9.32 -8.09
CA LEU A 137 14.32 8.85 -7.98
C LEU A 137 13.82 8.42 -9.35
N ILE A 138 13.97 9.31 -10.34
CA ILE A 138 13.40 9.03 -11.66
C ILE A 138 14.27 8.07 -12.44
N ASN A 139 15.59 8.24 -12.36
CA ASN A 139 16.47 7.44 -13.20
C ASN A 139 16.64 6.01 -12.71
N SER A 140 16.46 5.78 -11.42
CA SER A 140 16.78 4.46 -10.87
C SER A 140 15.65 3.87 -10.03
N TYR A 141 15.14 4.62 -9.05
CA TYR A 141 14.14 4.05 -8.15
C TYR A 141 12.84 3.72 -8.89
N VAL A 142 12.29 4.66 -9.64
CA VAL A 142 11.00 4.44 -10.31
C VAL A 142 11.05 3.25 -11.26
N PRO A 143 12.01 3.14 -12.19
CA PRO A 143 12.03 1.93 -13.04
C PRO A 143 12.15 0.65 -12.24
N ALA A 144 12.94 0.67 -11.16
CA ALA A 144 13.07 -0.54 -10.35
C ALA A 144 11.77 -0.86 -9.65
N ALA A 145 11.12 0.15 -9.05
CA ALA A 145 9.85 -0.13 -8.39
C ALA A 145 8.80 -0.61 -9.39
N GLN A 146 8.74 0.01 -10.57
CA GLN A 146 7.74 -0.42 -11.53
C GLN A 146 8.02 -1.85 -11.98
N GLY A 147 9.29 -2.20 -12.17
CA GLY A 147 9.59 -3.58 -12.54
C GLY A 147 9.27 -4.56 -11.42
N TYR A 148 9.61 -4.17 -10.20
CA TYR A 148 9.28 -4.98 -9.02
C TYR A 148 7.78 -5.26 -8.95
N LEU A 149 6.93 -4.22 -9.09
CA LEU A 149 5.49 -4.44 -9.06
C LEU A 149 5.00 -5.26 -10.25
N LYS A 150 5.58 -5.06 -11.45
CA LYS A 150 5.15 -5.82 -12.60
C LYS A 150 5.45 -7.31 -12.43
N LEU A 151 6.66 -7.63 -11.95
CA LEU A 151 7.02 -9.02 -11.69
C LEU A 151 6.18 -9.63 -10.57
N LEU A 152 5.90 -8.87 -9.50
CA LEU A 152 5.00 -9.39 -8.49
C LEU A 152 3.63 -9.71 -9.08
N GLY A 153 3.17 -8.90 -10.05
CA GLY A 153 1.89 -9.20 -10.68
C GLY A 153 1.95 -10.46 -11.52
N GLU A 154 3.06 -10.68 -12.21
CA GLU A 154 3.24 -11.93 -12.96
C GLU A 154 3.22 -13.13 -12.02
N LEU A 155 3.92 -13.02 -10.87
CA LEU A 155 3.90 -14.08 -9.87
C LEU A 155 2.49 -14.33 -9.36
N LEU A 156 1.78 -13.27 -8.99
CA LEU A 156 0.39 -13.41 -8.53
C LEU A 156 -0.50 -14.06 -9.58
N ASN A 157 -0.30 -13.70 -10.86
CA ASN A 157 -1.14 -14.24 -11.93
C ASN A 157 -1.00 -15.75 -12.02
N LEU A 158 0.22 -16.26 -11.88
CA LEU A 158 0.45 -17.70 -11.82
C LEU A 158 -0.38 -18.32 -10.69
N GLN A 159 -0.33 -17.72 -9.49
CA GLN A 159 -1.04 -18.31 -8.36
C GLN A 159 -2.54 -18.26 -8.56
N ARG A 160 -3.07 -17.07 -8.91
CA ARG A 160 -4.51 -16.92 -9.04
C ARG A 160 -5.06 -17.85 -10.10
N ALA A 161 -4.37 -17.96 -11.23
CA ALA A 161 -4.83 -18.88 -12.26
C ALA A 161 -4.91 -20.30 -11.73
N SER A 162 -3.91 -20.73 -10.96
N SER A 162 -3.89 -20.74 -10.97
CA SER A 162 -3.92 -22.11 -10.47
CA SER A 162 -3.92 -22.12 -10.47
C SER A 162 -5.06 -22.32 -9.51
C SER A 162 -5.09 -22.31 -9.52
N LEU A 163 -5.29 -21.36 -8.62
CA LEU A 163 -6.39 -21.47 -7.68
C LEU A 163 -7.71 -21.43 -8.40
N ASP A 164 -7.87 -20.52 -9.36
CA ASP A 164 -9.16 -20.43 -10.05
C ASP A 164 -9.41 -21.69 -10.88
N ALA A 165 -8.35 -22.36 -11.32
CA ALA A 165 -8.46 -23.62 -12.05
C ALA A 165 -8.86 -24.81 -11.17
N LYS A 166 -8.71 -24.73 -9.85
CA LYS A 166 -9.21 -25.80 -9.00
C LYS A 166 -10.43 -25.40 -8.17
N ALA A 167 -10.87 -24.14 -8.24
CA ALA A 167 -11.94 -23.64 -7.36
C ALA A 167 -13.21 -24.46 -7.52
N ALA A 168 -13.57 -24.82 -8.75
CA ALA A 168 -14.76 -25.61 -9.00
C ALA A 168 -14.49 -27.10 -8.70
N GLN B 35 -15.95 -19.31 -5.10
CA GLN B 35 -15.56 -18.21 -5.97
C GLN B 35 -15.98 -16.84 -5.40
N GLU B 36 -17.20 -16.73 -4.85
CA GLU B 36 -17.67 -15.45 -4.31
C GLU B 36 -16.83 -14.93 -3.15
N PRO B 37 -16.60 -15.69 -2.06
CA PRO B 37 -15.75 -15.15 -1.00
C PRO B 37 -14.35 -14.91 -1.46
N LEU B 38 -13.85 -15.72 -2.41
CA LEU B 38 -12.50 -15.49 -2.94
C LEU B 38 -12.44 -14.15 -3.67
N THR B 39 -13.42 -13.87 -4.52
CA THR B 39 -13.43 -12.56 -5.16
C THR B 39 -13.51 -11.43 -4.16
N LYS B 40 -14.33 -11.59 -3.11
CA LYS B 40 -14.40 -10.52 -2.13
C LYS B 40 -13.08 -10.39 -1.38
N GLU B 41 -12.43 -11.51 -1.03
CA GLU B 41 -11.13 -11.39 -0.38
C GLU B 41 -10.16 -10.60 -1.24
N ARG B 42 -10.16 -10.86 -2.55
CA ARG B 42 -9.23 -10.18 -3.45
C ARG B 42 -9.53 -8.68 -3.51
N LEU B 43 -10.81 -8.32 -3.60
CA LEU B 43 -11.18 -6.92 -3.61
C LEU B 43 -10.81 -6.25 -2.30
N ILE B 44 -11.08 -6.91 -1.17
CA ILE B 44 -10.73 -6.32 0.12
C ILE B 44 -9.23 -6.18 0.27
N SER B 45 -8.45 -7.11 -0.30
CA SER B 45 -7.00 -6.93 -0.24
C SER B 45 -6.54 -5.70 -1.04
N ASP B 46 -7.17 -5.43 -2.19
CA ASP B 46 -6.86 -4.21 -2.94
C ASP B 46 -7.24 -2.98 -2.14
N TRP B 47 -8.41 -3.04 -1.50
CA TRP B 47 -8.90 -1.94 -0.68
C TRP B 47 -7.92 -1.65 0.48
N ASN B 48 -7.47 -2.71 1.15
CA ASN B 48 -6.54 -2.59 2.27
C ASN B 48 -5.25 -1.94 1.80
N SER B 49 -4.77 -2.32 0.61
CA SER B 49 -3.55 -1.73 0.07
C SER B 49 -3.75 -0.24 -0.15
N ASN B 50 -4.91 0.13 -0.70
CA ASN B 50 -5.19 1.54 -0.94
C ASN B 50 -5.19 2.34 0.35
N VAL B 51 -5.85 1.82 1.40
CA VAL B 51 -5.85 2.55 2.67
C VAL B 51 -4.45 2.63 3.23
N SER B 52 -3.67 1.54 3.11
CA SER B 52 -2.32 1.56 3.65
C SER B 52 -1.45 2.59 2.92
N VAL B 53 -1.58 2.65 1.61
CA VAL B 53 -0.84 3.65 0.82
C VAL B 53 -1.26 5.04 1.23
N ALA B 54 -2.58 5.29 1.33
CA ALA B 54 -3.04 6.62 1.68
C ALA B 54 -2.57 7.03 3.06
N VAL B 55 -2.50 6.08 4.01
CA VAL B 55 -2.02 6.45 5.35
C VAL B 55 -0.55 6.87 5.28
N ALA B 56 0.28 6.13 4.54
CA ALA B 56 1.67 6.53 4.39
C ALA B 56 1.82 7.89 3.71
N ARG B 57 1.04 8.12 2.65
CA ARG B 57 1.13 9.37 1.90
C ARG B 57 0.65 10.54 2.75
N THR B 58 -0.47 10.34 3.45
CA THR B 58 -1.01 11.42 4.28
C THR B 58 -0.07 11.74 5.43
N THR B 59 0.55 10.71 6.00
CA THR B 59 1.54 10.92 7.05
C THR B 59 2.74 11.72 6.55
N ALA B 60 3.22 11.42 5.34
CA ALA B 60 4.32 12.20 4.77
C ALA B 60 3.92 13.64 4.50
N ILE B 61 2.71 13.86 3.98
CA ILE B 61 2.26 15.22 3.71
C ILE B 61 2.20 15.99 5.01
N ALA B 62 1.68 15.38 6.07
CA ALA B 62 1.52 16.10 7.35
C ALA B 62 2.86 16.42 8.00
N LYS B 63 3.81 15.48 7.96
CA LYS B 63 5.07 15.67 8.65
C LYS B 63 6.08 16.48 7.83
N SER B 64 5.88 16.65 6.54
CA SER B 64 6.82 17.42 5.73
C SER B 64 6.68 18.92 6.02
N SER B 65 7.79 19.58 6.37
CA SER B 65 7.70 21.02 6.52
C SER B 65 7.33 21.68 5.20
N ASP B 66 7.74 21.09 4.08
CA ASP B 66 7.43 21.55 2.72
C ASP B 66 5.99 21.19 2.38
N ALA B 67 5.13 22.20 2.19
CA ALA B 67 3.74 21.98 1.83
C ALA B 67 3.55 21.66 0.36
N SER B 68 4.64 21.67 -0.43
CA SER B 68 4.47 21.44 -1.85
C SER B 68 4.02 20.02 -2.17
N LEU B 69 4.19 19.05 -1.22
CA LEU B 69 3.69 17.70 -1.47
C LEU B 69 2.21 17.68 -1.72
N VAL B 70 1.47 18.63 -1.15
CA VAL B 70 0.03 18.63 -1.38
C VAL B 70 -0.24 18.66 -2.87
N GLN B 71 0.38 19.61 -3.57
CA GLN B 71 0.13 19.68 -5.01
C GLN B 71 0.86 18.60 -5.77
N PHE B 72 2.11 18.27 -5.39
CA PHE B 72 2.82 17.34 -6.24
C PHE B 72 2.32 15.92 -6.11
N LEU B 73 1.72 15.56 -4.98
CA LEU B 73 1.16 14.22 -4.80
C LEU B 73 -0.34 14.17 -5.00
N ALA B 74 -0.96 15.29 -5.41
CA ALA B 74 -2.42 15.33 -5.44
C ALA B 74 -3.01 14.35 -6.45
N ALA B 75 -2.43 14.22 -7.63
CA ALA B 75 -3.03 13.32 -8.60
C ALA B 75 -2.84 11.85 -8.18
N ASP B 76 -1.70 11.52 -7.56
CA ASP B 76 -1.51 10.16 -7.03
C ASP B 76 -2.52 9.87 -5.92
N ALA B 77 -2.76 10.85 -5.04
CA ALA B 77 -3.77 10.66 -4.00
C ALA B 77 -5.17 10.51 -4.60
N ALA B 78 -5.48 11.31 -5.63
CA ALA B 78 -6.78 11.19 -6.26
C ALA B 78 -6.95 9.81 -6.87
N ALA B 79 -5.88 9.28 -7.44
CA ALA B 79 -5.96 7.95 -8.05
C ALA B 79 -6.17 6.86 -6.99
N THR B 80 -5.50 6.97 -5.83
CA THR B 80 -5.70 5.98 -4.78
C THR B 80 -7.13 6.00 -4.28
N THR B 81 -7.70 7.20 -4.09
CA THR B 81 -9.07 7.24 -3.61
C THR B 81 -10.10 6.84 -4.69
N LYS B 82 -9.82 7.14 -5.97
CA LYS B 82 -10.71 6.65 -7.03
C LYS B 82 -10.65 5.13 -7.11
N SER B 83 -9.47 4.57 -6.91
CA SER B 83 -9.35 3.10 -6.89
C SER B 83 -10.24 2.49 -5.82
N THR B 84 -10.28 3.08 -4.61
CA THR B 84 -11.18 2.57 -3.59
C THR B 84 -12.65 2.79 -3.95
N ALA B 85 -12.99 3.96 -4.54
CA ALA B 85 -14.36 4.16 -5.00
C ALA B 85 -14.77 3.06 -5.99
N ASN B 86 -13.84 2.62 -6.82
CA ASN B 86 -14.15 1.55 -7.78
C ASN B 86 -14.32 0.21 -7.08
N VAL B 87 -13.47 -0.09 -6.09
CA VAL B 87 -13.64 -1.32 -5.32
C VAL B 87 -15.01 -1.35 -4.65
N LEU B 88 -15.43 -0.20 -4.08
CA LEU B 88 -16.74 -0.14 -3.42
C LEU B 88 -17.86 -0.49 -4.39
N LYS B 89 -17.81 0.07 -5.60
CA LYS B 89 -18.82 -0.27 -6.61
C LYS B 89 -18.77 -1.74 -6.99
N GLN B 90 -17.56 -2.32 -7.08
CA GLN B 90 -17.43 -3.74 -7.42
C GLN B 90 -17.96 -4.66 -6.32
N ILE B 91 -17.68 -4.34 -5.05
CA ILE B 91 -17.99 -5.27 -3.99
C ILE B 91 -19.45 -5.20 -3.58
N GLU B 92 -20.12 -4.04 -3.77
CA GLU B 92 -21.51 -3.88 -3.34
C GLU B 92 -22.45 -4.99 -3.81
N PRO B 93 -22.48 -5.36 -5.09
CA PRO B 93 -23.41 -6.40 -5.51
C PRO B 93 -23.08 -7.75 -4.95
N LEU B 94 -21.86 -7.93 -4.43
CA LEU B 94 -21.41 -9.23 -3.95
C LEU B 94 -21.69 -9.42 -2.46
N ILE B 95 -22.14 -8.39 -1.77
CA ILE B 95 -22.46 -8.48 -0.34
C ILE B 95 -23.71 -9.33 -0.18
N THR B 96 -23.62 -10.39 0.61
CA THR B 96 -24.73 -11.34 0.73
C THR B 96 -25.17 -11.58 2.16
N GLN B 97 -24.35 -11.33 3.12
CA GLN B 97 -24.60 -11.78 4.48
C GLN B 97 -24.90 -10.61 5.39
N PRO B 98 -25.79 -10.78 6.39
CA PRO B 98 -26.08 -9.66 7.31
C PRO B 98 -24.85 -9.07 7.97
N ALA B 99 -23.87 -9.89 8.33
CA ALA B 99 -22.69 -9.30 8.97
C ALA B 99 -21.86 -8.50 7.97
N GLU B 100 -21.80 -8.95 6.71
CA GLU B 100 -21.10 -8.14 5.70
C GLU B 100 -21.75 -6.79 5.54
N ARG B 101 -23.08 -6.78 5.45
CA ARG B 101 -23.80 -5.54 5.28
C ARG B 101 -23.59 -4.61 6.47
N GLU B 102 -23.63 -5.18 7.67
CA GLU B 102 -23.42 -4.38 8.88
C GLU B 102 -22.03 -3.75 8.89
N ILE B 103 -21.01 -4.54 8.51
CA ILE B 103 -19.66 -4.00 8.46
C ILE B 103 -19.54 -2.97 7.37
N LEU B 104 -20.08 -3.25 6.19
CA LEU B 104 -19.98 -2.26 5.11
C LEU B 104 -20.70 -0.97 5.48
N ASP B 105 -21.87 -1.05 6.14
CA ASP B 105 -22.55 0.19 6.55
C ASP B 105 -21.70 0.98 7.52
N LYS B 106 -21.05 0.29 8.46
CA LYS B 106 -20.18 0.97 9.41
C LYS B 106 -18.96 1.55 8.71
N ILE B 107 -18.39 0.82 7.75
CA ILE B 107 -17.29 1.39 6.95
C ILE B 107 -17.70 2.69 6.26
N GLN B 109 -19.76 4.96 7.26
CA GLN B 109 -19.73 6.03 8.26
C GLN B 109 -18.30 6.42 8.62
N VAL B 110 -17.45 5.43 8.87
CA VAL B 110 -16.08 5.70 9.26
C VAL B 110 -15.34 6.34 8.10
N ARG B 111 -15.64 5.91 6.88
CA ARG B 111 -14.95 6.48 5.71
C ARG B 111 -15.29 7.96 5.56
N LYS B 112 -16.51 8.37 5.91
CA LYS B 112 -16.81 9.81 5.85
C LYS B 112 -15.92 10.58 6.79
N THR B 113 -15.76 10.11 8.03
CA THR B 113 -14.89 10.75 9.02
C THR B 113 -13.45 10.76 8.53
N TYR B 114 -13.02 9.61 7.99
CA TYR B 114 -11.68 9.46 7.47
C TYR B 114 -11.40 10.43 6.32
N ILE B 115 -12.29 10.50 5.33
CA ILE B 115 -12.04 11.37 4.18
C ILE B 115 -12.00 12.84 4.63
N ALA B 116 -12.91 13.23 5.52
CA ALA B 116 -12.87 14.62 5.98
C ALA B 116 -11.52 14.94 6.62
N SER B 117 -11.01 14.03 7.45
CA SER B 117 -9.74 14.29 8.13
C SER B 117 -8.57 14.25 7.16
N ARG B 118 -8.56 13.27 6.24
CA ARG B 118 -7.54 13.23 5.20
C ARG B 118 -7.46 14.53 4.43
N ASP B 119 -8.62 15.00 3.98
CA ASP B 119 -8.65 16.23 3.17
C ASP B 119 -8.22 17.42 4.01
N LYS B 120 -8.58 17.42 5.30
CA LYS B 120 -8.23 18.51 6.19
C LYS B 120 -6.73 18.58 6.42
N VAL B 121 -6.04 17.44 6.51
CA VAL B 121 -4.58 17.47 6.63
C VAL B 121 -3.97 18.23 5.46
N SER B 122 -4.44 17.95 4.25
CA SER B 122 -3.87 18.60 3.07
C SER B 122 -4.26 20.07 3.00
N GLN B 123 -5.51 20.40 3.37
CA GLN B 123 -5.92 21.79 3.38
C GLN B 123 -5.11 22.58 4.39
N LEU B 124 -4.93 22.04 5.60
CA LEU B 124 -4.10 22.71 6.59
C LEU B 124 -2.68 22.93 6.09
N LYS B 125 -2.08 21.93 5.44
CA LYS B 125 -0.72 22.11 4.92
C LYS B 125 -0.70 23.21 3.88
N ALA B 126 -1.71 23.20 2.98
CA ALA B 126 -1.75 24.21 1.93
C ALA B 126 -1.94 25.61 2.50
N ASP B 127 -2.62 25.72 3.63
CA ASP B 127 -2.91 27.00 4.26
C ASP B 127 -1.79 27.46 5.18
N GLY B 128 -0.68 26.71 5.26
CA GLY B 128 0.44 27.08 6.09
C GLY B 128 0.28 26.71 7.55
N ALA B 130 1.14 24.27 9.52
CA ALA B 130 1.99 23.08 9.52
C ALA B 130 1.86 22.29 10.81
N GLU B 131 1.81 22.97 11.94
CA GLU B 131 1.68 22.26 13.20
C GLU B 131 0.29 21.67 13.35
N GLU B 132 -0.73 22.38 12.93
CA GLU B 132 -2.07 21.83 13.04
C GLU B 132 -2.25 20.63 12.11
N ALA B 133 -1.60 20.64 10.93
CA ALA B 133 -1.66 19.46 10.09
C ALA B 133 -1.10 18.24 10.82
N GLU B 134 -0.01 18.41 11.56
CA GLU B 134 0.56 17.27 12.30
C GLU B 134 -0.38 16.83 13.42
N SER B 135 -0.95 17.80 14.17
CA SER B 135 -1.84 17.38 15.26
C SER B 135 -3.12 16.73 14.72
N THR B 136 -3.62 17.20 13.56
CA THR B 136 -4.83 16.59 12.97
C THR B 136 -4.53 15.18 12.44
N LEU B 137 -3.34 14.97 11.92
CA LEU B 137 -2.93 13.62 11.56
C LEU B 137 -3.06 12.69 12.76
N ILE B 138 -2.51 13.10 13.91
CA ILE B 138 -2.45 12.22 15.06
C ILE B 138 -3.82 12.08 15.72
N ASN B 139 -4.56 13.20 15.83
CA ASN B 139 -5.75 13.14 16.67
C ASN B 139 -7.00 12.80 15.90
N SER B 140 -6.96 12.85 14.56
CA SER B 140 -8.20 12.63 13.80
C SER B 140 -8.02 11.63 12.66
N TYR B 141 -7.03 11.87 11.79
CA TYR B 141 -6.86 11.00 10.62
C TYR B 141 -6.42 9.60 11.03
N VAL B 142 -5.36 9.47 11.81
CA VAL B 142 -4.85 8.12 12.14
C VAL B 142 -5.88 7.31 12.91
N PRO B 143 -6.59 7.84 13.93
CA PRO B 143 -7.64 7.04 14.58
C PRO B 143 -8.73 6.61 13.61
N ALA B 144 -9.13 7.49 12.68
CA ALA B 144 -10.15 7.07 11.72
C ALA B 144 -9.60 5.97 10.81
N ALA B 145 -8.37 6.15 10.32
CA ALA B 145 -7.76 5.11 9.48
C ALA B 145 -7.64 3.78 10.22
N GLN B 146 -7.26 3.82 11.49
CA GLN B 146 -7.18 2.59 12.27
C GLN B 146 -8.53 1.89 12.38
N GLY B 147 -9.61 2.64 12.59
CA GLY B 147 -10.92 2.02 12.65
C GLY B 147 -11.33 1.47 11.30
N TYR B 148 -10.99 2.20 10.23
CA TYR B 148 -11.27 1.77 8.88
C TYR B 148 -10.58 0.45 8.57
N LEU B 149 -9.28 0.34 8.88
CA LEU B 149 -8.55 -0.90 8.67
C LEU B 149 -9.09 -2.03 9.53
N LYS B 150 -9.48 -1.73 10.78
CA LYS B 150 -10.05 -2.78 11.63
C LYS B 150 -11.31 -3.35 10.98
N LEU B 151 -12.17 -2.48 10.46
CA LEU B 151 -13.39 -2.95 9.82
C LEU B 151 -13.09 -3.74 8.54
N LEU B 152 -12.09 -3.32 7.76
CA LEU B 152 -11.74 -4.09 6.58
C LEU B 152 -11.24 -5.47 6.97
N GLY B 153 -10.51 -5.54 8.08
CA GLY B 153 -10.06 -6.85 8.56
C GLY B 153 -11.23 -7.73 8.96
N GLU B 154 -12.26 -7.14 9.58
CA GLU B 154 -13.44 -7.91 9.96
C GLU B 154 -14.18 -8.40 8.73
N LEU B 155 -14.29 -7.55 7.71
CA LEU B 155 -14.94 -7.96 6.47
C LEU B 155 -14.15 -9.10 5.79
N LEU B 156 -12.81 -8.96 5.79
CA LEU B 156 -11.96 -10.00 5.24
C LEU B 156 -12.12 -11.31 5.99
N ASN B 157 -12.27 -11.24 7.31
CA ASN B 157 -12.36 -12.49 8.07
C ASN B 157 -13.65 -13.25 7.76
N LEU B 158 -14.73 -12.56 7.36
CA LEU B 158 -15.93 -13.27 6.93
C LEU B 158 -15.65 -14.08 5.69
N GLN B 159 -14.79 -13.58 4.79
CA GLN B 159 -14.47 -14.32 3.58
C GLN B 159 -13.60 -15.50 3.91
N ARG B 160 -12.61 -15.29 4.78
CA ARG B 160 -11.74 -16.40 5.19
C ARG B 160 -12.55 -17.49 5.87
N ALA B 161 -13.54 -17.11 6.68
CA ALA B 161 -14.43 -18.11 7.30
C ALA B 161 -15.17 -18.91 6.24
N SER B 162 -15.66 -18.25 5.18
CA SER B 162 -16.34 -18.97 4.12
C SER B 162 -15.37 -19.91 3.40
N LEU B 163 -14.13 -19.46 3.16
CA LEU B 163 -13.15 -20.31 2.46
C LEU B 163 -12.62 -21.44 3.33
N ASP B 164 -12.71 -21.32 4.65
CA ASP B 164 -12.46 -22.44 5.55
C ASP B 164 -13.79 -23.02 6.01
#